data_9M19
#
_entry.id   9M19
#
_cell.length_a   154.694
_cell.length_b   42.192
_cell.length_c   42.576
_cell.angle_alpha   90.000
_cell.angle_beta   97.036
_cell.angle_gamma   90.000
#
_symmetry.space_group_name_H-M   'C 1 2 1'
#
loop_
_entity.id
_entity.type
_entity.pdbx_description
1 polymer 'Vitamin D3 receptor'
2 polymer 'Mediator of RNA polymerase II transcription subunit 1'
3 non-polymer '(4~{S})-5-[4-[dibutyl-[4-(2-ethyl-2-oxidanyl-butoxy)-3-methyl-phenyl]silyl]-2-methyl-phenoxy]-4-oxidanyl-pentanoic acid'
4 water water
#
loop_
_entity_poly.entity_id
_entity_poly.type
_entity_poly.pdbx_seq_one_letter_code
_entity_poly.pdbx_strand_id
1 'polypeptide(L)'
;GSHMGSPNSPLKDSLRPKLSEEQQHIIAILLDAHHKTYDPTYADFRDFRPPVRMDGSTGSVTLDLSPLSMLPHLADLVSY
SIQKVIGFAKMIPGFRDLTSDDQIVLLKSSAIEVIMLRSNQSFTMDDMSWDCGSQDYKYDVTDVSKAGHTLELIEPLIKF
QVGLKKLNLHEEEHVLLMAICIVSPDRPGVQDAKLVEAIQDRLSNTLQTYIRCRHPPPGSHQLYAKMIQKLADLRSLNEE
HSKQYRSLSFQPENSMKLTPLVLEVFGNEIS
;
A
2 'polypeptide(L)' KNHPMLMNLLKDN C
#
loop_
_chem_comp.id
_chem_comp.type
_chem_comp.name
_chem_comp.formula
A1L77 non-polymer '(4~{S})-5-[4-[dibutyl-[4-(2-ethyl-2-oxidanyl-butoxy)-3-methyl-phenyl]silyl]-2-methyl-phenoxy]-4-oxidanyl-pentanoic acid' 'C33 H52 O6 Si'
#
# COMPACT_ATOMS: atom_id res chain seq x y z
N LYS A 18 -14.81 19.35 17.90
CA LYS A 18 -14.40 19.63 16.52
C LYS A 18 -14.42 18.36 15.68
N LEU A 19 -13.94 17.26 16.28
CA LEU A 19 -14.02 15.95 15.63
C LEU A 19 -15.47 15.49 15.63
N SER A 20 -16.17 15.71 14.52
CA SER A 20 -17.57 15.32 14.43
C SER A 20 -17.73 13.81 14.57
N GLU A 21 -18.94 13.39 14.92
CA GLU A 21 -19.19 11.96 15.08
C GLU A 21 -19.25 11.25 13.74
N GLU A 22 -19.58 11.95 12.66
CA GLU A 22 -19.38 11.40 11.33
C GLU A 22 -17.91 11.11 11.08
N GLN A 23 -17.01 11.94 11.62
CA GLN A 23 -15.59 11.74 11.43
C GLN A 23 -15.05 10.63 12.34
N GLN A 24 -15.52 10.57 13.59
CA GLN A 24 -15.17 9.44 14.44
C GLN A 24 -15.68 8.14 13.87
N HIS A 25 -16.87 8.16 13.25
CA HIS A 25 -17.40 6.97 12.61
C HIS A 25 -16.50 6.52 11.47
N ILE A 26 -16.02 7.47 10.66
CA ILE A 26 -15.13 7.12 9.54
C ILE A 26 -13.87 6.45 10.06
N ILE A 27 -13.27 7.02 11.11
CA ILE A 27 -12.02 6.48 11.64
C ILE A 27 -12.23 5.06 12.17
N ALA A 28 -13.38 4.81 12.81
CA ALA A 28 -13.64 3.49 13.37
C ALA A 28 -13.84 2.44 12.28
N ILE A 29 -14.49 2.82 11.17
CA ILE A 29 -14.65 1.89 10.05
C ILE A 29 -13.29 1.52 9.46
N LEU A 30 -12.43 2.52 9.27
CA LEU A 30 -11.12 2.29 8.68
C LEU A 30 -10.23 1.47 9.63
N LEU A 31 -10.36 1.70 10.94
CA LEU A 31 -9.63 0.88 11.90
C LEU A 31 -10.08 -0.57 11.82
N ASP A 32 -11.40 -0.79 11.85
CA ASP A 32 -11.93 -2.15 11.74
C ASP A 32 -11.53 -2.80 10.42
N ALA A 33 -11.56 -2.02 9.33
CA ALA A 33 -11.20 -2.57 8.03
C ALA A 33 -9.73 -3.02 8.00
N HIS A 34 -8.84 -2.20 8.57
CA HIS A 34 -7.42 -2.56 8.59
C HIS A 34 -7.19 -3.80 9.43
N HIS A 35 -7.85 -3.88 10.60
CA HIS A 35 -7.67 -5.05 11.46
C HIS A 35 -8.24 -6.31 10.82
N LYS A 36 -9.22 -6.17 9.92
CA LYS A 36 -9.78 -7.31 9.20
C LYS A 36 -8.93 -7.74 8.02
N THR A 37 -8.00 -6.89 7.56
CA THR A 37 -7.22 -7.15 6.36
C THR A 37 -5.73 -7.22 6.61
N TYR A 38 -5.30 -7.14 7.87
CA TYR A 38 -3.88 -7.24 8.22
C TYR A 38 -3.74 -8.27 9.34
N ASP A 39 -3.00 -9.35 9.04
CA ASP A 39 -2.77 -10.41 10.01
C ASP A 39 -1.34 -10.28 10.54
N PRO A 40 -1.13 -9.75 11.75
CA PRO A 40 0.23 -9.61 12.29
C PRO A 40 0.88 -10.93 12.67
N THR A 41 0.19 -12.06 12.54
CA THR A 41 0.85 -13.35 12.70
C THR A 41 1.57 -13.78 11.44
N TYR A 42 1.18 -13.23 10.28
CA TYR A 42 1.79 -13.59 8.99
C TYR A 42 1.72 -15.08 8.72
N ALA A 43 0.66 -15.72 9.21
CA ALA A 43 0.52 -17.16 9.08
C ALA A 43 0.37 -17.58 7.62
N ASP A 44 -0.29 -16.75 6.80
CA ASP A 44 -0.51 -17.10 5.41
C ASP A 44 0.79 -17.14 4.60
N PHE A 45 1.91 -16.68 5.16
CA PHE A 45 3.17 -16.69 4.45
C PHE A 45 3.66 -18.10 4.14
N ARG A 46 3.20 -19.11 4.89
N ARG A 46 3.19 -19.11 4.88
CA ARG A 46 3.61 -20.48 4.64
CA ARG A 46 3.63 -20.48 4.62
C ARG A 46 3.05 -21.04 3.35
C ARG A 46 3.09 -21.00 3.30
N ASP A 47 1.95 -20.48 2.84
CA ASP A 47 1.37 -20.92 1.58
C ASP A 47 2.09 -20.33 0.38
N PHE A 48 2.97 -19.35 0.58
CA PHE A 48 3.74 -18.81 -0.52
C PHE A 48 4.78 -19.83 -1.00
N ARG A 49 5.32 -19.57 -2.18
CA ARG A 49 6.51 -20.30 -2.59
C ARG A 49 7.66 -19.94 -1.67
N PRO A 50 8.51 -20.91 -1.29
CA PRO A 50 9.42 -20.68 -0.17
C PRO A 50 10.44 -19.62 -0.49
N PRO A 51 10.88 -18.85 0.50
CA PRO A 51 11.99 -17.91 0.27
C PRO A 51 13.25 -18.67 -0.04
N VAL A 52 13.92 -18.27 -1.12
CA VAL A 52 15.13 -18.93 -1.59
C VAL A 52 16.23 -17.89 -1.62
N ARG A 53 17.25 -18.04 -0.78
CA ARG A 53 18.36 -17.05 -0.78
C ARG A 53 19.62 -17.66 -1.41
N PRO A 67 20.34 -16.12 -9.35
CA PRO A 67 19.97 -14.72 -9.26
C PRO A 67 18.45 -14.61 -9.34
N LEU A 68 17.87 -13.58 -8.76
CA LEU A 68 16.41 -13.53 -8.77
C LEU A 68 15.78 -14.69 -8.00
N SER A 69 16.51 -15.21 -7.01
CA SER A 69 16.03 -16.34 -6.23
C SER A 69 14.84 -15.99 -5.35
N MET A 70 14.65 -14.72 -5.02
CA MET A 70 13.55 -14.30 -4.17
C MET A 70 12.32 -13.85 -4.95
N LEU A 71 12.40 -13.84 -6.29
CA LEU A 71 11.27 -13.37 -7.09
C LEU A 71 10.01 -14.21 -6.88
N PRO A 72 10.05 -15.55 -6.87
CA PRO A 72 8.80 -16.30 -6.61
C PRO A 72 8.17 -15.98 -5.26
N HIS A 73 8.99 -15.92 -4.20
CA HIS A 73 8.44 -15.61 -2.88
C HIS A 73 7.90 -14.19 -2.81
N LEU A 74 8.63 -13.23 -3.39
CA LEU A 74 8.20 -11.84 -3.34
C LEU A 74 7.01 -11.59 -4.25
N ALA A 75 6.88 -12.38 -5.33
CA ALA A 75 5.69 -12.25 -6.17
C ALA A 75 4.45 -12.74 -5.45
N ASP A 76 4.56 -13.84 -4.71
CA ASP A 76 3.44 -14.32 -3.91
C ASP A 76 3.12 -13.34 -2.79
N LEU A 77 4.14 -12.72 -2.21
CA LEU A 77 3.92 -11.75 -1.13
C LEU A 77 3.14 -10.55 -1.63
N VAL A 78 3.53 -9.99 -2.78
CA VAL A 78 2.82 -8.86 -3.34
C VAL A 78 1.41 -9.25 -3.77
N SER A 79 1.29 -10.39 -4.44
CA SER A 79 -0.03 -10.86 -4.86
C SER A 79 -0.97 -11.01 -3.67
N TYR A 80 -0.47 -11.62 -2.59
CA TYR A 80 -1.26 -11.72 -1.36
C TYR A 80 -1.61 -10.33 -0.83
N SER A 81 -0.64 -9.41 -0.82
CA SER A 81 -0.89 -8.07 -0.29
C SER A 81 -1.91 -7.31 -1.14
N ILE A 82 -1.87 -7.50 -2.46
CA ILE A 82 -2.86 -6.86 -3.34
C ILE A 82 -4.27 -7.27 -2.91
N GLN A 83 -4.46 -8.55 -2.56
CA GLN A 83 -5.77 -9.02 -2.11
C GLN A 83 -6.19 -8.29 -0.84
N LYS A 84 -5.25 -8.06 0.09
CA LYS A 84 -5.59 -7.38 1.33
C LYS A 84 -5.92 -5.91 1.09
N VAL A 85 -5.18 -5.26 0.19
CA VAL A 85 -5.45 -3.86 -0.13
C VAL A 85 -6.85 -3.71 -0.72
N ILE A 86 -7.26 -4.66 -1.55
CA ILE A 86 -8.60 -4.61 -2.13
C ILE A 86 -9.66 -4.74 -1.04
N GLY A 87 -9.46 -5.69 -0.12
CA GLY A 87 -10.40 -5.85 0.98
C GLY A 87 -10.51 -4.59 1.84
N PHE A 88 -9.37 -3.95 2.11
CA PHE A 88 -9.40 -2.69 2.85
C PHE A 88 -10.12 -1.60 2.05
N ALA A 89 -9.77 -1.46 0.77
CA ALA A 89 -10.33 -0.39 -0.05
C ALA A 89 -11.84 -0.49 -0.14
N LYS A 90 -12.38 -1.72 -0.20
CA LYS A 90 -13.82 -1.90 -0.32
C LYS A 90 -14.56 -1.31 0.88
N MET A 91 -13.91 -1.22 2.02
CA MET A 91 -14.54 -0.73 3.24
C MET A 91 -14.31 0.77 3.46
N ILE A 92 -13.57 1.43 2.58
CA ILE A 92 -13.44 2.90 2.69
C ILE A 92 -14.81 3.54 2.47
N PRO A 93 -15.27 4.40 3.37
CA PRO A 93 -16.58 5.05 3.17
C PRO A 93 -16.61 5.83 1.86
N GLY A 94 -17.58 5.48 1.01
CA GLY A 94 -17.75 6.10 -0.27
C GLY A 94 -17.09 5.40 -1.44
N PHE A 95 -16.16 4.48 -1.17
CA PHE A 95 -15.44 3.81 -2.25
C PHE A 95 -16.39 3.04 -3.16
N ARG A 96 -17.42 2.42 -2.59
N ARG A 96 -17.42 2.42 -2.60
CA ARG A 96 -18.36 1.61 -3.38
CA ARG A 96 -18.35 1.62 -3.40
C ARG A 96 -19.24 2.47 -4.27
C ARG A 96 -19.18 2.50 -4.32
N ASP A 97 -19.44 3.74 -3.93
CA ASP A 97 -20.26 4.64 -4.74
C ASP A 97 -19.61 4.98 -6.07
N LEU A 98 -18.31 4.74 -6.20
CA LEU A 98 -17.64 4.85 -7.49
C LEU A 98 -18.07 3.71 -8.41
N THR A 99 -17.96 3.95 -9.72
CA THR A 99 -18.16 2.88 -10.68
C THR A 99 -17.07 1.83 -10.52
N SER A 100 -17.37 0.61 -10.99
CA SER A 100 -16.37 -0.45 -10.98
C SER A 100 -15.11 -0.04 -11.74
N ASP A 101 -15.28 0.73 -12.82
CA ASP A 101 -14.13 1.20 -13.59
C ASP A 101 -13.24 2.10 -12.73
N ASP A 102 -13.83 3.09 -12.07
CA ASP A 102 -13.04 3.98 -11.23
C ASP A 102 -12.42 3.24 -10.05
N GLN A 103 -13.14 2.26 -9.49
CA GLN A 103 -12.57 1.44 -8.44
C GLN A 103 -11.35 0.68 -8.92
N ILE A 104 -11.38 0.23 -10.18
CA ILE A 104 -10.28 -0.57 -10.72
C ILE A 104 -9.05 0.29 -10.97
N VAL A 105 -9.23 1.45 -11.61
CA VAL A 105 -8.08 2.29 -11.90
C VAL A 105 -7.44 2.80 -10.62
N LEU A 106 -8.24 3.07 -9.58
CA LEU A 106 -7.66 3.54 -8.32
C LEU A 106 -6.84 2.47 -7.65
N LEU A 107 -7.34 1.23 -7.63
CA LEU A 107 -6.61 0.14 -7.00
C LEU A 107 -5.39 -0.25 -7.83
N LYS A 108 -5.52 -0.26 -9.17
CA LYS A 108 -4.37 -0.53 -10.02
C LYS A 108 -3.25 0.47 -9.77
N SER A 109 -3.60 1.75 -9.62
CA SER A 109 -2.57 2.77 -9.51
C SER A 109 -2.01 2.83 -8.08
N SER A 110 -2.85 2.62 -7.08
CA SER A 110 -2.47 2.80 -5.69
C SER A 110 -1.92 1.55 -5.00
N ALA A 111 -2.13 0.36 -5.57
CA ALA A 111 -1.83 -0.87 -4.85
C ALA A 111 -0.41 -0.91 -4.31
N ILE A 112 0.58 -0.64 -5.18
CA ILE A 112 1.96 -0.72 -4.73
C ILE A 112 2.27 0.33 -3.67
N GLU A 113 1.59 1.48 -3.72
CA GLU A 113 1.81 2.51 -2.70
C GLU A 113 1.21 2.09 -1.37
N VAL A 114 0.00 1.53 -1.37
CA VAL A 114 -0.60 1.06 -0.13
C VAL A 114 0.21 -0.09 0.44
N ILE A 115 0.76 -0.94 -0.41
CA ILE A 115 1.65 -2.01 0.06
C ILE A 115 2.87 -1.41 0.74
N MET A 116 3.45 -0.37 0.15
CA MET A 116 4.56 0.33 0.79
C MET A 116 4.16 0.87 2.16
N LEU A 117 2.96 1.44 2.25
CA LEU A 117 2.50 2.00 3.52
C LEU A 117 2.26 0.90 4.56
N ARG A 118 1.46 -0.11 4.19
CA ARG A 118 1.14 -1.15 5.16
C ARG A 118 2.35 -2.01 5.52
N SER A 119 3.36 -2.06 4.66
CA SER A 119 4.59 -2.78 4.98
C SER A 119 5.37 -2.10 6.11
N ASN A 120 5.11 -0.82 6.38
CA ASN A 120 5.84 -0.11 7.42
C ASN A 120 5.56 -0.65 8.81
N GLN A 121 4.45 -1.34 9.01
N GLN A 121 4.43 -1.33 9.01
CA GLN A 121 4.14 -1.87 10.34
CA GLN A 121 4.12 -1.90 10.32
C GLN A 121 5.08 -3.01 10.74
C GLN A 121 5.14 -2.95 10.72
N SER A 122 5.60 -3.75 9.76
CA SER A 122 6.58 -4.80 10.01
C SER A 122 8.02 -4.31 9.88
N PHE A 123 8.22 -3.12 9.32
CA PHE A 123 9.57 -2.58 9.18
C PHE A 123 10.13 -2.23 10.55
N THR A 124 11.40 -2.55 10.77
CA THR A 124 12.09 -2.22 12.01
C THR A 124 13.34 -1.41 11.70
N MET A 125 13.55 -0.34 12.47
CA MET A 125 14.70 0.53 12.26
C MET A 125 15.96 0.03 12.94
N ASP A 126 15.86 -1.02 13.77
CA ASP A 126 17.05 -1.56 14.42
C ASP A 126 18.00 -2.20 13.40
N ASP A 127 17.47 -2.74 12.30
CA ASP A 127 18.31 -3.26 11.24
C ASP A 127 17.79 -2.92 9.85
N MET A 128 16.82 -2.02 9.73
CA MET A 128 16.31 -1.55 8.43
C MET A 128 15.76 -2.72 7.60
N SER A 129 14.93 -3.54 8.23
CA SER A 129 14.38 -4.72 7.57
C SER A 129 12.90 -4.83 7.91
N TRP A 130 12.21 -5.68 7.16
CA TRP A 130 10.82 -6.03 7.41
C TRP A 130 10.78 -7.37 8.14
N ASP A 131 10.49 -7.35 9.43
CA ASP A 131 10.48 -8.54 10.25
C ASP A 131 9.03 -9.03 10.38
N CYS A 132 8.75 -10.20 9.80
CA CYS A 132 7.42 -10.79 9.88
C CYS A 132 7.45 -12.08 10.69
N GLY A 133 8.07 -12.05 11.87
CA GLY A 133 8.10 -13.22 12.72
C GLY A 133 9.39 -14.03 12.61
N SER A 134 9.33 -15.12 11.87
CA SER A 134 10.48 -16.01 11.74
C SER A 134 11.57 -15.38 10.88
N GLN A 135 12.77 -15.97 10.96
CA GLN A 135 13.90 -15.46 10.19
C GLN A 135 13.72 -15.69 8.70
N ASP A 136 13.07 -16.81 8.32
CA ASP A 136 12.76 -17.03 6.91
C ASP A 136 11.94 -15.91 6.33
N TYR A 137 11.10 -15.27 7.14
CA TYR A 137 10.23 -14.19 6.72
C TYR A 137 10.67 -12.86 7.32
N LYS A 138 11.98 -12.66 7.41
CA LYS A 138 12.59 -11.39 7.78
C LYS A 138 13.38 -10.92 6.56
N TYR A 139 12.94 -9.81 5.97
CA TYR A 139 13.40 -9.38 4.66
C TYR A 139 14.23 -8.10 4.77
N ASP A 140 15.35 -8.06 4.03
CA ASP A 140 16.19 -6.87 3.97
C ASP A 140 16.37 -6.42 2.52
N VAL A 141 17.32 -5.50 2.31
CA VAL A 141 17.53 -4.93 0.99
C VAL A 141 18.08 -5.96 0.01
N THR A 142 18.89 -6.90 0.50
CA THR A 142 19.43 -7.93 -0.38
C THR A 142 18.34 -8.84 -0.92
N ASP A 143 17.24 -9.01 -0.16
CA ASP A 143 16.12 -9.77 -0.66
C ASP A 143 15.41 -9.04 -1.80
N VAL A 144 15.34 -7.71 -1.72
CA VAL A 144 14.73 -6.93 -2.79
C VAL A 144 15.59 -7.01 -4.05
N SER A 145 16.91 -6.93 -3.90
CA SER A 145 17.79 -7.03 -5.05
C SER A 145 17.80 -8.43 -5.63
N LYS A 146 17.63 -9.46 -4.79
CA LYS A 146 17.49 -10.83 -5.25
C LYS A 146 16.10 -11.10 -5.83
N ALA A 147 15.34 -10.05 -6.13
CA ALA A 147 14.12 -10.15 -6.92
C ALA A 147 14.18 -9.35 -8.21
N GLY A 148 15.32 -8.72 -8.50
CA GLY A 148 15.51 -7.99 -9.73
C GLY A 148 15.56 -6.48 -9.60
N HIS A 149 15.42 -5.94 -8.40
CA HIS A 149 15.33 -4.51 -8.21
C HIS A 149 16.67 -3.92 -7.82
N THR A 150 16.89 -2.67 -8.23
CA THR A 150 18.16 -1.97 -8.10
C THR A 150 18.07 -0.91 -7.02
N LEU A 151 19.20 -0.23 -6.78
CA LEU A 151 19.25 0.81 -5.76
C LEU A 151 18.40 2.02 -6.11
N GLU A 152 18.15 2.26 -7.42
CA GLU A 152 17.30 3.36 -7.83
C GLU A 152 15.95 3.32 -7.13
N LEU A 153 15.47 2.13 -6.80
CA LEU A 153 14.26 1.96 -6.00
C LEU A 153 14.56 1.64 -4.54
N ILE A 154 15.58 0.82 -4.28
CA ILE A 154 15.80 0.28 -2.94
C ILE A 154 16.15 1.39 -1.95
N GLU A 155 17.08 2.28 -2.33
CA GLU A 155 17.48 3.31 -1.39
C GLU A 155 16.37 4.33 -1.10
N PRO A 156 15.66 4.86 -2.10
CA PRO A 156 14.50 5.71 -1.75
C PRO A 156 13.43 4.98 -0.96
N LEU A 157 13.33 3.66 -1.13
CA LEU A 157 12.32 2.90 -0.39
C LEU A 157 12.67 2.79 1.08
N ILE A 158 13.94 2.51 1.39
CA ILE A 158 14.37 2.46 2.78
C ILE A 158 14.25 3.83 3.44
N LYS A 159 14.62 4.89 2.71
CA LYS A 159 14.46 6.24 3.25
C LYS A 159 12.99 6.53 3.54
N PHE A 160 12.09 6.09 2.67
CA PHE A 160 10.66 6.28 2.91
C PHE A 160 10.21 5.55 4.16
N GLN A 161 10.60 4.27 4.29
CA GLN A 161 10.21 3.48 5.45
C GLN A 161 10.72 4.11 6.75
N VAL A 162 11.95 4.64 6.73
CA VAL A 162 12.51 5.27 7.92
C VAL A 162 11.76 6.56 8.24
N GLY A 163 11.51 7.39 7.21
CA GLY A 163 10.82 8.65 7.44
C GLY A 163 9.39 8.46 7.90
N LEU A 164 8.71 7.45 7.35
CA LEU A 164 7.36 7.14 7.79
C LEU A 164 7.36 6.64 9.23
N LYS A 165 8.30 5.76 9.58
CA LYS A 165 8.42 5.30 10.95
C LYS A 165 8.70 6.45 11.91
N LYS A 166 9.55 7.39 11.50
CA LYS A 166 9.89 8.52 12.35
C LYS A 166 8.68 9.40 12.63
N LEU A 167 7.64 9.34 11.80
CA LEU A 167 6.44 10.11 12.05
C LEU A 167 5.67 9.59 13.27
N ASN A 168 5.89 8.34 13.64
CA ASN A 168 5.23 7.74 14.81
C ASN A 168 3.72 7.94 14.75
N LEU A 169 3.13 7.52 13.62
CA LEU A 169 1.72 7.75 13.39
C LEU A 169 0.86 6.96 14.37
N HIS A 170 -0.23 7.57 14.83
CA HIS A 170 -1.29 6.81 15.45
C HIS A 170 -1.88 5.85 14.42
N GLU A 171 -2.41 4.72 14.89
CA GLU A 171 -3.07 3.80 13.97
C GLU A 171 -4.21 4.49 13.24
N GLU A 172 -4.89 5.43 13.91
CA GLU A 172 -5.93 6.21 13.26
C GLU A 172 -5.37 6.98 12.06
N GLU A 173 -4.18 7.57 12.22
CA GLU A 173 -3.57 8.30 11.12
C GLU A 173 -3.05 7.35 10.04
N HIS A 174 -2.56 6.18 10.45
CA HIS A 174 -2.03 5.21 9.48
C HIS A 174 -3.13 4.74 8.53
N VAL A 175 -4.29 4.37 9.06
CA VAL A 175 -5.34 3.86 8.18
C VAL A 175 -5.98 4.98 7.37
N LEU A 176 -6.00 6.21 7.90
CA LEU A 176 -6.49 7.34 7.13
C LEU A 176 -5.57 7.62 5.95
N LEU A 177 -4.25 7.51 6.16
CA LEU A 177 -3.31 7.78 5.08
C LEU A 177 -3.43 6.75 3.96
N MET A 178 -3.65 5.48 4.33
CA MET A 178 -3.85 4.46 3.30
C MET A 178 -5.11 4.71 2.49
N ALA A 179 -6.20 5.12 3.16
CA ALA A 179 -7.44 5.40 2.43
C ALA A 179 -7.30 6.62 1.55
N ILE A 180 -6.67 7.68 2.05
CA ILE A 180 -6.47 8.89 1.25
C ILE A 180 -5.62 8.58 0.02
N CYS A 181 -4.57 7.77 0.20
CA CYS A 181 -3.75 7.31 -0.92
C CYS A 181 -4.59 6.69 -2.03
N ILE A 182 -5.49 5.78 -1.67
CA ILE A 182 -6.26 5.05 -2.67
C ILE A 182 -7.17 5.98 -3.46
N VAL A 183 -7.89 6.85 -2.77
CA VAL A 183 -8.89 7.71 -3.38
C VAL A 183 -8.21 9.03 -3.72
N SER A 184 -7.39 9.04 -4.78
CA SER A 184 -6.77 10.25 -5.27
C SER A 184 -7.30 10.56 -6.66
N PRO A 185 -7.84 11.75 -6.91
CA PRO A 185 -8.50 12.01 -8.20
C PRO A 185 -7.55 12.18 -9.37
N ASP A 186 -6.25 12.30 -9.14
CA ASP A 186 -5.28 12.51 -10.20
C ASP A 186 -4.64 11.22 -10.69
N ARG A 187 -5.17 10.06 -10.30
CA ARG A 187 -4.65 8.81 -10.82
C ARG A 187 -5.00 8.68 -12.30
N PRO A 188 -4.11 8.09 -13.11
CA PRO A 188 -4.39 7.99 -14.55
C PRO A 188 -5.57 7.07 -14.82
N GLY A 189 -6.42 7.50 -15.75
CA GLY A 189 -7.59 6.74 -16.13
C GLY A 189 -8.82 6.99 -15.28
N VAL A 190 -8.74 7.87 -14.28
CA VAL A 190 -9.90 8.19 -13.45
C VAL A 190 -10.92 8.93 -14.28
N GLN A 191 -12.18 8.48 -14.22
CA GLN A 191 -13.27 9.11 -14.94
C GLN A 191 -13.94 10.20 -14.12
N ASP A 192 -14.54 9.82 -12.99
CA ASP A 192 -15.29 10.76 -12.16
C ASP A 192 -14.37 11.34 -11.08
N ALA A 193 -13.50 12.25 -11.53
CA ALA A 193 -12.50 12.82 -10.64
C ALA A 193 -13.12 13.64 -9.53
N LYS A 194 -14.25 14.30 -9.79
CA LYS A 194 -14.86 15.13 -8.75
C LYS A 194 -15.50 14.29 -7.66
N LEU A 195 -16.04 13.12 -8.02
CA LEU A 195 -16.57 12.22 -7.00
C LEU A 195 -15.43 11.60 -6.19
N VAL A 196 -14.35 11.22 -6.86
CA VAL A 196 -13.16 10.76 -6.15
C VAL A 196 -12.63 11.85 -5.23
N GLU A 197 -12.65 13.10 -5.70
CA GLU A 197 -12.16 14.21 -4.89
C GLU A 197 -13.05 14.45 -3.67
N ALA A 198 -14.35 14.29 -3.83
CA ALA A 198 -15.26 14.48 -2.70
C ALA A 198 -15.03 13.43 -1.62
N ILE A 199 -14.83 12.17 -2.02
CA ILE A 199 -14.57 11.11 -1.04
C ILE A 199 -13.25 11.37 -0.32
N GLN A 200 -12.22 11.76 -1.08
CA GLN A 200 -10.92 12.05 -0.46
C GLN A 200 -10.99 13.25 0.47
N ASP A 201 -11.77 14.27 0.09
CA ASP A 201 -11.87 15.47 0.92
C ASP A 201 -12.48 15.14 2.27
N ARG A 202 -13.47 14.26 2.30
CA ARG A 202 -14.06 13.85 3.57
C ARG A 202 -13.03 13.13 4.45
N LEU A 203 -12.19 12.29 3.84
CA LEU A 203 -11.13 11.64 4.60
C LEU A 203 -10.03 12.61 4.96
N SER A 204 -9.75 13.59 4.10
CA SER A 204 -8.70 14.57 4.38
C SER A 204 -9.08 15.45 5.56
N ASN A 205 -10.30 16.01 5.55
CA ASN A 205 -10.75 16.82 6.68
C ASN A 205 -10.84 16.00 7.96
N THR A 206 -11.14 14.71 7.85
CA THR A 206 -11.12 13.84 9.02
C THR A 206 -9.71 13.71 9.59
N LEU A 207 -8.72 13.54 8.71
CA LEU A 207 -7.34 13.42 9.17
C LEU A 207 -6.84 14.74 9.76
N GLN A 208 -7.12 15.85 9.08
CA GLN A 208 -6.69 17.16 9.57
C GLN A 208 -7.30 17.44 10.93
N THR A 209 -8.60 17.17 11.09
CA THR A 209 -9.27 17.42 12.36
C THR A 209 -8.77 16.47 13.43
N TYR A 210 -8.50 15.20 13.07
CA TYR A 210 -8.00 14.25 14.06
C TYR A 210 -6.67 14.70 14.63
N ILE A 211 -5.77 15.20 13.78
CA ILE A 211 -4.45 15.59 14.24
C ILE A 211 -4.53 16.75 15.23
N ARG A 212 -5.38 17.73 14.93
CA ARG A 212 -5.48 18.91 15.78
C ARG A 212 -6.10 18.58 17.14
N CYS A 213 -7.05 17.65 17.19
CA CYS A 213 -7.80 17.36 18.40
C CYS A 213 -7.24 16.19 19.20
N ARG A 214 -6.58 15.24 18.55
CA ARG A 214 -6.18 14.02 19.22
C ARG A 214 -4.69 13.72 19.19
N HIS A 215 -3.91 14.44 18.38
CA HIS A 215 -2.46 14.23 18.38
C HIS A 215 -1.81 15.36 19.16
N PRO A 216 -1.22 15.09 20.33
CA PRO A 216 -0.67 16.17 21.15
C PRO A 216 0.66 16.66 20.58
N PRO A 217 1.01 17.91 20.83
CA PRO A 217 2.34 18.40 20.48
C PRO A 217 3.39 17.69 21.33
N PRO A 218 4.65 17.63 20.86
CA PRO A 218 5.16 18.21 19.61
C PRO A 218 5.01 17.31 18.38
N GLY A 219 4.50 16.10 18.57
CA GLY A 219 4.35 15.18 17.45
C GLY A 219 3.41 15.71 16.37
N SER A 220 2.42 16.51 16.76
CA SER A 220 1.44 17.03 15.81
C SER A 220 2.01 18.11 14.89
N HIS A 221 3.20 18.64 15.19
CA HIS A 221 3.74 19.79 14.45
C HIS A 221 3.87 19.50 12.96
N GLN A 222 3.08 20.22 12.15
CA GLN A 222 3.10 20.07 10.70
C GLN A 222 2.87 18.62 10.27
N LEU A 223 2.13 17.86 11.09
CA LEU A 223 2.00 16.43 10.84
C LEU A 223 1.23 16.16 9.55
N TYR A 224 0.15 16.91 9.30
CA TYR A 224 -0.59 16.73 8.06
C TYR A 224 0.28 17.01 6.85
N ALA A 225 1.10 18.07 6.93
CA ALA A 225 1.98 18.40 5.81
C ALA A 225 3.01 17.30 5.58
N LYS A 226 3.53 16.70 6.67
CA LYS A 226 4.50 15.62 6.52
C LYS A 226 3.85 14.38 5.93
N MET A 227 2.59 14.11 6.26
CA MET A 227 1.91 12.94 5.70
C MET A 227 1.62 13.11 4.22
N ILE A 228 1.18 14.30 3.82
CA ILE A 228 0.94 14.56 2.40
C ILE A 228 2.24 14.49 1.61
N GLN A 229 3.36 14.85 2.24
CA GLN A 229 4.66 14.68 1.59
C GLN A 229 4.96 13.21 1.33
N LYS A 230 4.61 12.34 2.27
CA LYS A 230 4.80 10.91 2.06
C LYS A 230 3.97 10.40 0.88
N LEU A 231 2.78 10.98 0.67
CA LEU A 231 1.99 10.62 -0.50
C LEU A 231 2.70 11.01 -1.79
N ALA A 232 3.40 12.15 -1.77
CA ALA A 232 4.20 12.54 -2.92
C ALA A 232 5.38 11.58 -3.12
N ASP A 233 6.05 11.20 -2.02
CA ASP A 233 7.14 10.23 -2.12
C ASP A 233 6.64 8.91 -2.70
N LEU A 234 5.40 8.53 -2.37
CA LEU A 234 4.84 7.27 -2.85
C LEU A 234 4.63 7.29 -4.36
N ARG A 235 4.21 8.44 -4.91
CA ARG A 235 4.09 8.55 -6.36
C ARG A 235 5.44 8.36 -7.03
N SER A 236 6.49 8.95 -6.45
CA SER A 236 7.83 8.77 -6.99
C SER A 236 8.27 7.31 -6.89
N LEU A 237 8.02 6.69 -5.73
CA LEU A 237 8.37 5.29 -5.56
C LEU A 237 7.55 4.40 -6.49
N ASN A 238 6.27 4.75 -6.69
CA ASN A 238 5.43 4.02 -7.63
C ASN A 238 6.03 4.06 -9.04
N GLU A 239 6.44 5.24 -9.49
CA GLU A 239 6.98 5.37 -10.83
C GLU A 239 8.25 4.55 -11.01
N GLU A 240 9.12 4.54 -10.00
CA GLU A 240 10.36 3.80 -10.11
C GLU A 240 10.12 2.29 -10.08
N HIS A 241 9.19 1.84 -9.23
CA HIS A 241 8.87 0.42 -9.20
C HIS A 241 8.24 -0.02 -10.51
N SER A 242 7.37 0.81 -11.09
CA SER A 242 6.78 0.46 -12.39
C SER A 242 7.85 0.33 -13.46
N LYS A 243 8.85 1.21 -13.45
N LYS A 243 8.85 1.21 -13.45
CA LYS A 243 9.92 1.13 -14.43
CA LYS A 243 9.93 1.14 -14.42
C LYS A 243 10.69 -0.19 -14.30
C LYS A 243 10.68 -0.19 -14.29
N GLN A 244 11.07 -0.54 -13.08
CA GLN A 244 11.83 -1.78 -12.87
C GLN A 244 10.95 -3.00 -13.09
N TYR A 245 9.67 -2.94 -12.69
CA TYR A 245 8.76 -4.05 -12.94
C TYR A 245 8.57 -4.26 -14.44
N ARG A 246 8.34 -3.18 -15.18
CA ARG A 246 8.19 -3.29 -16.63
C ARG A 246 9.43 -3.91 -17.27
N SER A 247 10.61 -3.53 -16.78
CA SER A 247 11.84 -4.09 -17.31
C SER A 247 11.98 -5.57 -16.93
N LEU A 248 11.70 -5.89 -15.67
CA LEU A 248 11.84 -7.28 -15.22
C LEU A 248 10.82 -8.18 -15.89
N SER A 249 9.55 -7.76 -15.93
CA SER A 249 8.50 -8.57 -16.53
C SER A 249 8.59 -8.63 -18.05
N PHE A 250 9.42 -7.79 -18.68
CA PHE A 250 9.63 -7.89 -20.12
C PHE A 250 10.23 -9.24 -20.50
N GLN A 251 10.99 -9.85 -19.59
CA GLN A 251 11.51 -11.18 -19.81
C GLN A 251 10.43 -12.20 -19.51
N PRO A 252 10.02 -13.04 -20.47
CA PRO A 252 9.04 -14.09 -20.15
C PRO A 252 9.52 -15.03 -19.05
N GLU A 253 10.82 -15.27 -18.97
CA GLU A 253 11.36 -16.11 -17.89
C GLU A 253 11.05 -15.52 -16.53
N ASN A 254 10.99 -14.20 -16.42
CA ASN A 254 10.61 -13.57 -15.15
C ASN A 254 9.10 -13.53 -14.98
N SER A 255 8.37 -13.22 -16.07
CA SER A 255 6.91 -13.19 -16.00
C SER A 255 6.33 -14.55 -15.62
N MET A 256 7.07 -15.61 -15.87
CA MET A 256 6.55 -16.95 -15.56
C MET A 256 6.47 -17.15 -14.05
N LYS A 257 7.36 -16.53 -13.28
CA LYS A 257 7.39 -16.70 -11.85
C LYS A 257 6.45 -15.75 -11.12
N LEU A 258 5.80 -14.84 -11.84
CA LEU A 258 4.81 -13.96 -11.22
C LEU A 258 3.48 -14.69 -11.05
N THR A 259 2.52 -14.02 -10.44
CA THR A 259 1.19 -14.58 -10.27
C THR A 259 0.21 -13.96 -11.24
N PRO A 260 -0.90 -14.63 -11.54
CA PRO A 260 -1.90 -14.03 -12.44
C PRO A 260 -2.41 -12.69 -11.94
N LEU A 261 -2.67 -12.56 -10.64
CA LEU A 261 -3.17 -11.29 -10.11
C LEU A 261 -2.14 -10.18 -10.29
N VAL A 262 -0.86 -10.47 -10.02
CA VAL A 262 0.19 -9.48 -10.19
C VAL A 262 0.27 -9.02 -11.64
N LEU A 263 0.20 -9.97 -12.58
CA LEU A 263 0.24 -9.63 -13.99
C LEU A 263 -0.96 -8.79 -14.41
N GLU A 264 -2.13 -9.09 -13.85
CA GLU A 264 -3.32 -8.29 -14.16
C GLU A 264 -3.19 -6.88 -13.60
N VAL A 265 -2.76 -6.74 -12.35
CA VAL A 265 -2.74 -5.44 -11.70
C VAL A 265 -1.54 -4.62 -12.18
N PHE A 266 -0.34 -5.18 -12.08
CA PHE A 266 0.86 -4.41 -12.38
C PHE A 266 1.12 -4.31 -13.88
N GLY A 267 0.64 -5.26 -14.67
CA GLY A 267 0.74 -5.20 -16.11
C GLY A 267 1.49 -6.38 -16.70
N ASN A 268 1.37 -6.48 -18.02
CA ASN A 268 2.00 -7.55 -18.79
C ASN A 268 3.35 -7.11 -19.36
N LYS B 1 -8.55 -2.58 -21.23
CA LYS B 1 -8.35 -4.01 -20.96
C LYS B 1 -9.19 -4.42 -19.76
N ASN B 2 -9.60 -5.69 -19.74
CA ASN B 2 -10.45 -6.23 -18.69
C ASN B 2 -9.61 -6.79 -17.56
N HIS B 3 -10.14 -6.66 -16.33
CA HIS B 3 -9.48 -7.11 -15.11
C HIS B 3 -10.43 -8.04 -14.36
N PRO B 4 -10.61 -9.27 -14.83
CA PRO B 4 -11.58 -10.18 -14.19
C PRO B 4 -11.20 -10.58 -12.78
N MET B 5 -9.91 -10.72 -12.48
CA MET B 5 -9.52 -11.11 -11.13
C MET B 5 -9.69 -9.95 -10.15
N LEU B 6 -9.33 -8.74 -10.58
CA LEU B 6 -9.60 -7.56 -9.77
C LEU B 6 -11.09 -7.36 -9.56
N MET B 7 -11.87 -7.50 -10.63
CA MET B 7 -13.32 -7.32 -10.53
C MET B 7 -13.94 -8.35 -9.59
N ASN B 8 -13.43 -9.57 -9.58
CA ASN B 8 -13.98 -10.61 -8.73
C ASN B 8 -13.67 -10.34 -7.26
N LEU B 9 -12.43 -9.91 -6.96
CA LEU B 9 -12.09 -9.57 -5.59
C LEU B 9 -12.85 -8.35 -5.10
N LEU B 10 -13.20 -7.44 -6.01
CA LEU B 10 -14.07 -6.32 -5.67
C LEU B 10 -15.51 -6.75 -5.43
N LYS B 11 -15.81 -8.04 -5.61
CA LYS B 11 -17.15 -8.62 -5.48
C LYS B 11 -18.25 -7.71 -6.02
C10 A1L77 C . 8.04 -3.32 0.44
C13 A1L77 C . 8.77 -6.52 -3.97
C15 A1L77 C . 7.73 -6.76 -1.83
C17 A1L77 C . 7.74 -6.91 -6.00
C20 A1L77 C . 9.43 -7.99 -9.20
C21 A1L77 C . 6.81 -7.63 -8.14
C22 A1L77 C . 6.50 -8.93 -7.47
C24 A1L77 C . 3.05 -6.99 4.59
C28 A1L77 C . 0.24 -8.40 5.94
C01 A1L77 C . 4.51 -6.63 1.51
C02 A1L77 C . 4.68 -7.03 2.80
C03 A1L77 C . 5.94 -6.86 3.31
C04 A1L77 C . 6.96 -6.32 2.58
C05 A1L77 C . 6.77 -5.92 1.31
C06 A1L77 C . 5.52 -6.08 0.76
C09 A1L77 C . 8.45 -5.72 -1.36
C11 A1L77 C . 9.34 -5.09 -2.18
C12 A1L77 C . 9.51 -5.47 -3.48
C14 A1L77 C . 7.90 -7.14 -3.14
C18 A1L77 C . 8.04 -7.06 -7.47
C19 A1L77 C . 9.16 -8.00 -7.72
C25 A1L77 C . 1.55 -6.92 4.45
C27 A1L77 C . 0.89 -8.27 4.59
C29 A1L77 C . -1.21 -8.77 5.81
C32 A1L77 C . 6.27 -7.26 4.72
C33 A1L77 C . 10.48 -4.69 -4.33
C34 A1L77 C . 9.65 -5.35 1.54
C35 A1L77 C . 10.73 -6.15 0.90
C36 A1L77 C . 10.27 -7.57 0.94
C37 A1L77 C . 11.56 -8.32 0.74
C38 A1L77 C . 7.11 -2.83 -0.61
C39 A1L77 C . 7.98 -2.18 -1.63
C40 A1L77 C . 7.28 -2.14 -2.95
O07 A1L77 C . 3.64 -7.62 3.53
O16 A1L77 C . 8.90 -6.93 -5.28
O23 A1L77 C . 8.28 -5.89 -8.09
O26 A1L77 C . 1.20 -6.44 3.21
O30 A1L77 C . -1.87 -8.15 5.02
O31 A1L77 C . -1.70 -9.65 6.49
SI08 A1L77 C . 8.22 -5.15 0.40
#